data_7UEX
#
_entry.id   7UEX
#
_cell.length_a   97.907
_cell.length_b   97.907
_cell.length_c   68.907
_cell.angle_alpha   90.000
_cell.angle_beta   90.000
_cell.angle_gamma   120.000
#
_symmetry.space_group_name_H-M   'P 31 2 1'
#
loop_
_entity.id
_entity.type
_entity.pdbx_description
1 polymer 'Pantothenate kinase 3'
2 non-polymer 'ACETATE ION'
3 non-polymer '2-(4-{2-[4-(6-chloropyridazin-3-yl)piperazin-1-yl]-2-oxoethyl}anilino)-2-oxoethyl acetate'
4 non-polymer 'PHOSPHOAMINOPHOSPHONIC ACID-ADENYLATE ESTER'
5 non-polymer 1,2-ETHANEDIOL
6 non-polymer 'CHLORIDE ION'
7 non-polymer 'MAGNESIUM ION'
8 water water
#
_entity_poly.entity_id   1
_entity_poly.type   'polypeptide(L)'
_entity_poly.pdbx_seq_one_letter_code
;MGSSHHHHHHSSGLVPRGSPWFGMDIGGTLVKLSYFEPIDITAEEEQEEVESLKSIRKYLTSNVAYGSTGIRDVHLELKD
LTLFGRRGNLHFIRFPTQDLPTFIQMGRDKNFSTLQTVLCATGGGAYKFEKDFRTIGNLHLHKLDELDCLVKGLLYIDSV
SFNGQAECYYFANASEPERCQKMPFNLDDPYPLLVVNIGSGVSILAVHSKDNYKRVTGTSLGGGTFLGLCSLLTGCESFE
EALEMASKGDSTQADKLVRDIYGGDYERFGLPGWAVASSFGNMIYKEKRESVSKEDLARATLVTITNNIGSVARMCAVNE
KINRVVFVGNFLRVNTLSMKLLAYALDYWSKGQLKALFLEHEGYFGAVGALLGLPNFSDD
;
_entity_poly.pdbx_strand_id   A
#
loop_
_chem_comp.id
_chem_comp.type
_chem_comp.name
_chem_comp.formula
ACT non-polymer 'ACETATE ION' 'C2 H3 O2 -1'
ANP non-polymer 'PHOSPHOAMINOPHOSPHONIC ACID-ADENYLATE ESTER' 'C10 H17 N6 O12 P3'
CL non-polymer 'CHLORIDE ION' 'Cl -1'
EDO non-polymer 1,2-ETHANEDIOL 'C2 H6 O2'
MG non-polymer 'MAGNESIUM ION' 'Mg 2'
MZI non-polymer '2-(4-{2-[4-(6-chloropyridazin-3-yl)piperazin-1-yl]-2-oxoethyl}anilino)-2-oxoethyl acetate' 'C20 H22 Cl N5 O4'
#
# COMPACT_ATOMS: atom_id res chain seq x y z
N SER A 19 19.14 -15.36 15.43
CA SER A 19 19.09 -14.75 14.10
C SER A 19 18.41 -13.38 14.17
N PRO A 20 18.73 -12.51 13.22
CA PRO A 20 17.97 -11.26 13.10
C PRO A 20 16.51 -11.55 12.76
N TRP A 21 15.60 -10.84 13.43
CA TRP A 21 14.17 -11.07 13.25
C TRP A 21 13.67 -10.19 12.10
N PHE A 22 13.36 -10.83 10.97
CA PHE A 22 12.92 -10.08 9.78
C PHE A 22 11.59 -10.64 9.27
N GLY A 23 10.77 -9.78 8.70
CA GLY A 23 9.54 -10.26 8.04
C GLY A 23 9.59 -9.73 6.62
N MET A 24 9.35 -10.54 5.59
CA MET A 24 9.53 -10.09 4.22
C MET A 24 8.27 -10.33 3.41
N ASP A 25 7.88 -9.32 2.62
CA ASP A 25 6.76 -9.40 1.69
C ASP A 25 7.31 -9.07 0.32
N ILE A 26 7.45 -10.09 -0.53
CA ILE A 26 8.05 -9.95 -1.84
C ILE A 26 6.90 -9.83 -2.85
N GLY A 27 6.57 -8.59 -3.21
CA GLY A 27 5.52 -8.34 -4.18
C GLY A 27 6.04 -8.34 -5.61
N GLY A 28 5.12 -8.15 -6.55
CA GLY A 28 5.50 -8.05 -7.95
C GLY A 28 6.32 -6.81 -8.28
N THR A 29 6.21 -5.76 -7.46
CA THR A 29 6.92 -4.51 -7.71
C THR A 29 7.94 -4.18 -6.62
N LEU A 30 7.57 -4.30 -5.36
CA LEU A 30 8.43 -3.90 -4.26
C LEU A 30 8.58 -5.04 -3.26
N VAL A 31 9.76 -5.15 -2.67
CA VAL A 31 9.99 -5.98 -1.51
C VAL A 31 9.84 -5.10 -0.27
N LYS A 32 9.02 -5.54 0.68
CA LYS A 32 8.82 -4.83 1.93
C LYS A 32 9.44 -5.67 3.05
N LEU A 33 10.22 -5.03 3.91
CA LEU A 33 10.95 -5.71 4.97
C LEU A 33 10.65 -5.03 6.29
N SER A 34 10.28 -5.82 7.29
CA SER A 34 10.11 -5.34 8.66
C SER A 34 11.21 -5.95 9.52
N TYR A 35 11.95 -5.10 10.21
CA TYR A 35 13.11 -5.52 11.00
C TYR A 35 12.94 -5.08 12.43
N PHE A 36 13.03 -6.02 13.36
CA PHE A 36 12.94 -5.75 14.79
C PHE A 36 14.34 -5.61 15.34
N GLU A 37 14.69 -4.40 15.81
CA GLU A 37 15.99 -4.13 16.38
C GLU A 37 15.89 -4.19 17.89
N PRO A 38 16.45 -5.20 18.55
CA PRO A 38 16.37 -5.23 20.01
C PRO A 38 17.20 -4.12 20.63
N ILE A 39 16.62 -3.48 21.65
CA ILE A 39 17.28 -2.39 22.37
C ILE A 39 17.55 -2.74 23.83
N ASP A 40 17.21 -3.94 24.27
CA ASP A 40 17.51 -4.40 25.62
C ASP A 40 18.67 -5.38 25.63
N ILE A 41 19.70 -5.10 24.82
CA ILE A 41 20.85 -5.98 24.73
C ILE A 41 21.69 -5.83 25.99
N THR A 42 21.81 -6.91 26.75
CA THR A 42 22.62 -6.88 27.97
C THR A 42 24.10 -6.87 27.60
N ALA A 43 24.94 -6.72 28.63
CA ALA A 43 26.38 -6.75 28.42
C ALA A 43 26.83 -8.12 27.94
N GLU A 44 26.24 -9.19 28.47
CA GLU A 44 26.64 -10.53 28.06
C GLU A 44 26.15 -10.86 26.66
N GLU A 45 24.91 -10.48 26.34
CA GLU A 45 24.37 -10.79 25.02
C GLU A 45 25.18 -10.13 23.91
N GLU A 46 25.76 -8.95 24.18
CA GLU A 46 26.54 -8.27 23.16
C GLU A 46 27.85 -9.00 22.88
N GLN A 47 28.45 -9.60 23.90
CA GLN A 47 29.66 -10.37 23.69
C GLN A 47 29.38 -11.65 22.90
N GLU A 48 28.23 -12.28 23.16
CA GLU A 48 27.89 -13.54 22.50
C GLU A 48 27.50 -13.34 21.04
N GLU A 49 27.16 -12.12 20.63
CA GLU A 49 26.72 -11.88 19.26
C GLU A 49 27.89 -12.00 18.30
N VAL A 50 27.62 -12.55 17.12
CA VAL A 50 28.67 -12.67 16.11
C VAL A 50 28.88 -11.34 15.42
N GLU A 51 30.04 -11.20 14.76
CA GLU A 51 30.40 -9.93 14.15
C GLU A 51 29.54 -9.62 12.93
N SER A 52 29.17 -10.65 12.16
CA SER A 52 28.27 -10.44 11.03
C SER A 52 26.92 -9.91 11.49
N LEU A 53 26.45 -10.35 12.65
CA LEU A 53 25.21 -9.83 13.20
C LEU A 53 25.36 -8.38 13.64
N LYS A 54 26.48 -8.04 14.27
CA LYS A 54 26.70 -6.65 14.70
C LYS A 54 26.80 -5.72 13.49
N SER A 55 27.52 -6.15 12.45
CA SER A 55 27.63 -5.32 11.25
C SER A 55 26.29 -5.18 10.54
N ILE A 56 25.45 -6.22 10.60
CA ILE A 56 24.11 -6.13 10.00
C ILE A 56 23.27 -5.10 10.74
N ARG A 57 23.20 -5.22 12.07
CA ARG A 57 22.37 -4.31 12.85
C ARG A 57 22.88 -2.88 12.75
N LYS A 58 24.20 -2.70 12.79
CA LYS A 58 24.76 -1.36 12.65
C LYS A 58 24.47 -0.80 11.26
N TYR A 59 24.65 -1.61 10.22
CA TYR A 59 24.43 -1.14 8.86
C TYR A 59 22.99 -0.72 8.63
N LEU A 60 22.03 -1.47 9.20
CA LEU A 60 20.62 -1.15 8.99
C LEU A 60 20.21 0.08 9.76
N THR A 61 20.77 0.28 10.95
CA THR A 61 20.39 1.42 11.79
C THR A 61 21.23 2.67 11.54
N SER A 62 22.38 2.54 10.88
CA SER A 62 23.24 3.68 10.58
C SER A 62 23.01 4.27 9.21
N ASN A 63 22.12 3.68 8.41
CA ASN A 63 21.83 4.16 7.07
C ASN A 63 20.33 4.22 6.85
N VAL A 64 19.91 5.22 6.08
CA VAL A 64 18.53 5.32 5.63
C VAL A 64 18.39 4.98 4.16
N ALA A 65 19.49 4.93 3.41
CA ALA A 65 19.52 4.45 2.04
C ALA A 65 20.48 3.26 1.98
N TYR A 66 20.02 2.17 1.36
CA TYR A 66 20.81 0.95 1.26
C TYR A 66 21.11 0.71 -0.21
N GLY A 67 22.38 0.82 -0.58
CA GLY A 67 22.71 0.75 -1.99
C GLY A 67 22.09 1.91 -2.75
N SER A 68 21.70 1.63 -4.00
CA SER A 68 21.11 2.65 -4.84
C SER A 68 19.59 2.66 -4.81
N THR A 69 18.93 1.60 -4.34
CA THR A 69 17.47 1.50 -4.42
C THR A 69 16.78 1.13 -3.12
N GLY A 70 17.51 0.82 -2.05
CA GLY A 70 16.88 0.49 -0.77
C GLY A 70 16.65 1.74 0.05
N ILE A 71 15.51 1.78 0.73
CA ILE A 71 15.11 2.93 1.54
C ILE A 71 14.50 2.44 2.84
N ARG A 72 14.91 3.06 3.95
CA ARG A 72 14.26 2.84 5.23
C ARG A 72 13.29 4.00 5.50
N ASP A 73 12.02 3.67 5.68
CA ASP A 73 10.99 4.68 5.98
C ASP A 73 11.08 4.99 7.47
N VAL A 74 11.95 5.93 7.81
CA VAL A 74 12.27 6.21 9.22
C VAL A 74 11.03 6.71 9.96
N HIS A 75 10.18 7.48 9.30
CA HIS A 75 9.03 8.06 9.96
C HIS A 75 8.01 7.02 10.43
N LEU A 76 8.04 5.81 9.85
CA LEU A 76 7.12 4.75 10.23
C LEU A 76 7.60 3.92 11.41
N GLU A 77 8.83 4.13 11.87
CA GLU A 77 9.43 3.29 12.89
C GLU A 77 8.59 3.27 14.17
N LEU A 78 8.37 2.07 14.71
CA LEU A 78 7.72 1.91 16.01
C LEU A 78 8.80 1.71 17.06
N LYS A 79 8.79 2.56 18.10
CA LYS A 79 9.85 2.60 19.09
C LYS A 79 9.38 1.98 20.42
N ASP A 80 10.28 1.25 21.06
CA ASP A 80 10.03 0.63 22.37
C ASP A 80 8.85 -0.34 22.31
N LEU A 81 8.76 -1.08 21.21
CA LEU A 81 7.77 -2.13 21.06
C LEU A 81 8.24 -3.39 21.79
N THR A 82 7.32 -4.03 22.49
CA THR A 82 7.60 -5.31 23.15
C THR A 82 7.09 -6.43 22.25
N LEU A 83 8.02 -7.22 21.72
CA LEU A 83 7.68 -8.31 20.81
C LEU A 83 8.48 -9.55 21.18
N PHE A 84 7.79 -10.68 21.30
CA PHE A 84 8.40 -11.97 21.62
C PHE A 84 9.19 -11.91 22.93
N GLY A 85 8.67 -11.14 23.89
CA GLY A 85 9.31 -11.02 25.17
C GLY A 85 10.51 -10.09 25.23
N ARG A 86 10.80 -9.37 24.14
CA ARG A 86 11.89 -8.42 24.11
C ARG A 86 11.37 -7.05 23.71
N ARG A 87 12.07 -6.00 24.16
CA ARG A 87 11.78 -4.64 23.73
C ARG A 87 12.70 -4.27 22.58
N GLY A 88 12.16 -3.53 21.62
CA GLY A 88 12.98 -3.07 20.52
C GLY A 88 12.25 -2.07 19.65
N ASN A 89 12.89 -1.74 18.53
CA ASN A 89 12.32 -0.84 17.54
C ASN A 89 11.98 -1.64 16.29
N LEU A 90 10.81 -1.38 15.73
CA LEU A 90 10.37 -2.04 14.50
C LEU A 90 10.63 -1.10 13.34
N HIS A 91 11.45 -1.55 12.40
CA HIS A 91 11.85 -0.75 11.25
C HIS A 91 11.17 -1.26 9.98
N PHE A 92 10.99 -0.36 9.02
CA PHE A 92 10.25 -0.64 7.79
C PHE A 92 11.10 -0.22 6.61
N ILE A 93 11.42 -1.18 5.73
CA ILE A 93 12.40 -1.01 4.67
C ILE A 93 11.79 -1.54 3.37
N ARG A 94 12.09 -0.87 2.26
CA ARG A 94 11.56 -1.30 0.97
C ARG A 94 12.64 -1.16 -0.10
N PHE A 95 12.50 -1.98 -1.15
CA PHE A 95 13.36 -1.88 -2.32
C PHE A 95 12.67 -2.60 -3.47
N PRO A 96 13.05 -2.30 -4.71
CA PRO A 96 12.36 -2.92 -5.86
C PRO A 96 12.64 -4.40 -5.94
N THR A 97 11.59 -5.18 -6.26
CA THR A 97 11.75 -6.61 -6.43
C THR A 97 12.77 -6.94 -7.51
N GLN A 98 12.90 -6.06 -8.51
CA GLN A 98 13.91 -6.22 -9.54
C GLN A 98 15.33 -6.30 -8.96
N ASP A 99 15.54 -5.73 -7.77
CA ASP A 99 16.86 -5.72 -7.14
C ASP A 99 17.02 -6.82 -6.10
N LEU A 100 16.07 -7.76 -6.02
CA LEU A 100 16.22 -8.87 -5.09
C LEU A 100 17.47 -9.71 -5.34
N PRO A 101 17.90 -9.97 -6.59
CA PRO A 101 19.19 -10.67 -6.78
C PRO A 101 20.35 -10.00 -6.08
N THR A 102 20.41 -8.66 -6.10
CA THR A 102 21.46 -7.95 -5.36
C THR A 102 21.32 -8.18 -3.86
N PHE A 103 20.09 -8.16 -3.35
CA PHE A 103 19.85 -8.43 -1.94
C PHE A 103 20.33 -9.83 -1.56
N ILE A 104 19.98 -10.82 -2.37
CA ILE A 104 20.37 -12.21 -2.07
C ILE A 104 21.87 -12.37 -2.18
N GLN A 105 22.49 -11.69 -3.14
CA GLN A 105 23.95 -11.77 -3.28
C GLN A 105 24.66 -11.12 -2.09
N MET A 106 24.11 -10.02 -1.57
CA MET A 106 24.67 -9.44 -0.35
C MET A 106 24.58 -10.41 0.81
N GLY A 107 23.53 -11.23 0.85
CA GLY A 107 23.40 -12.20 1.92
C GLY A 107 24.34 -13.38 1.78
N ARG A 108 24.65 -13.79 0.54
CA ARG A 108 25.50 -14.95 0.32
C ARG A 108 26.97 -14.70 0.68
N ASP A 109 27.36 -13.46 0.93
CA ASP A 109 28.75 -13.16 1.25
C ASP A 109 28.87 -12.52 2.63
N THR A 117 19.71 -18.85 9.70
CA THR A 117 18.66 -17.85 9.77
C THR A 117 17.32 -18.42 9.31
N VAL A 118 16.24 -17.93 9.92
CA VAL A 118 14.89 -18.29 9.52
C VAL A 118 14.25 -17.06 8.92
N LEU A 119 13.78 -17.19 7.68
CA LEU A 119 13.18 -16.07 6.96
C LEU A 119 11.71 -16.39 6.73
N CYS A 120 10.84 -15.67 7.43
CA CYS A 120 9.41 -15.74 7.17
C CYS A 120 9.08 -14.78 6.04
N ALA A 121 8.57 -15.31 4.93
CA ALA A 121 8.32 -14.53 3.74
C ALA A 121 6.92 -14.81 3.21
N THR A 122 6.30 -13.76 2.68
CA THR A 122 4.98 -13.86 2.07
C THR A 122 5.03 -13.11 0.75
N GLY A 123 3.87 -13.02 0.10
CA GLY A 123 3.78 -12.45 -1.23
C GLY A 123 4.11 -13.47 -2.29
N GLY A 124 3.79 -13.10 -3.54
CA GLY A 124 4.04 -13.99 -4.65
C GLY A 124 5.50 -14.38 -4.80
N GLY A 125 6.41 -13.44 -4.51
CA GLY A 125 7.83 -13.72 -4.64
C GLY A 125 8.36 -14.74 -3.65
N ALA A 126 7.64 -14.99 -2.56
CA ALA A 126 8.08 -16.04 -1.64
C ALA A 126 8.07 -17.39 -2.31
N TYR A 127 7.14 -17.62 -3.25
CA TYR A 127 7.11 -18.83 -4.06
C TYR A 127 8.06 -18.73 -5.25
N LYS A 128 7.99 -17.61 -5.99
CA LYS A 128 8.75 -17.48 -7.22
C LYS A 128 10.26 -17.54 -6.95
N PHE A 129 10.71 -16.92 -5.87
CA PHE A 129 12.14 -16.85 -5.57
C PHE A 129 12.56 -17.78 -4.44
N GLU A 130 11.75 -18.80 -4.15
CA GLU A 130 12.08 -19.72 -3.07
C GLU A 130 13.45 -20.37 -3.28
N LYS A 131 13.71 -20.88 -4.49
CA LYS A 131 14.98 -21.54 -4.75
C LYS A 131 16.15 -20.57 -4.65
N ASP A 132 15.92 -19.29 -4.94
CA ASP A 132 16.98 -18.30 -4.85
C ASP A 132 17.37 -18.05 -3.39
N PHE A 133 16.38 -17.93 -2.51
CA PHE A 133 16.67 -17.73 -1.09
C PHE A 133 17.45 -18.91 -0.51
N ARG A 134 17.21 -20.11 -1.02
CA ARG A 134 17.90 -21.28 -0.49
C ARG A 134 19.31 -21.42 -1.02
N THR A 135 19.78 -20.51 -1.90
CA THR A 135 21.20 -20.44 -2.21
C THR A 135 22.00 -19.91 -1.04
N ILE A 136 21.35 -19.23 -0.10
CA ILE A 136 21.99 -18.85 1.15
C ILE A 136 22.03 -20.10 2.03
N GLY A 137 23.23 -20.61 2.28
CA GLY A 137 23.36 -21.90 2.95
C GLY A 137 22.68 -21.90 4.31
N ASN A 138 22.02 -23.02 4.62
CA ASN A 138 21.34 -23.32 5.87
C ASN A 138 20.19 -22.36 6.18
N LEU A 139 19.87 -21.43 5.29
CA LEU A 139 18.74 -20.54 5.52
C LEU A 139 17.43 -21.31 5.36
N HIS A 140 16.56 -21.21 6.35
CA HIS A 140 15.25 -21.84 6.31
C HIS A 140 14.21 -20.79 5.90
N LEU A 141 13.62 -20.98 4.73
CA LEU A 141 12.57 -20.10 4.24
C LEU A 141 11.21 -20.70 4.56
N HIS A 142 10.37 -19.92 5.23
CA HIS A 142 9.02 -20.36 5.59
C HIS A 142 8.03 -19.48 4.85
N LYS A 143 7.41 -20.03 3.81
CA LYS A 143 6.40 -19.29 3.07
C LYS A 143 5.12 -19.20 3.87
N LEU A 144 4.59 -18.00 4.02
CA LEU A 144 3.39 -17.77 4.81
C LEU A 144 2.28 -17.19 3.94
N ASP A 145 1.04 -17.55 4.29
CA ASP A 145 -0.12 -17.15 3.51
C ASP A 145 -0.24 -15.63 3.46
N GLU A 146 -0.42 -15.10 2.25
CA GLU A 146 -0.49 -13.66 2.06
C GLU A 146 -1.69 -13.06 2.79
N LEU A 147 -2.84 -13.73 2.74
CA LEU A 147 -4.03 -13.24 3.42
C LEU A 147 -3.84 -13.24 4.93
N ASP A 148 -3.32 -14.34 5.47
CA ASP A 148 -3.06 -14.40 6.91
C ASP A 148 -2.11 -13.30 7.35
N CYS A 149 -1.05 -13.07 6.56
CA CYS A 149 -0.04 -12.08 6.96
C CYS A 149 -0.62 -10.66 6.94
N LEU A 150 -1.35 -10.32 5.88
CA LEU A 150 -1.93 -8.99 5.78
C LEU A 150 -2.87 -8.70 6.94
N VAL A 151 -3.76 -9.65 7.25
CA VAL A 151 -4.75 -9.42 8.29
C VAL A 151 -4.10 -9.37 9.67
N LYS A 152 -3.20 -10.33 9.95
CA LYS A 152 -2.54 -10.33 11.24
C LYS A 152 -1.65 -9.10 11.42
N GLY A 153 -0.97 -8.69 10.36
CA GLY A 153 -0.12 -7.50 10.46
C GLY A 153 -0.92 -6.23 10.66
N LEU A 154 -2.03 -6.09 9.94
CA LEU A 154 -2.89 -4.92 10.08
C LEU A 154 -3.45 -4.82 11.50
N LEU A 155 -4.02 -5.92 12.00
CA LEU A 155 -4.60 -5.92 13.33
C LEU A 155 -3.55 -5.70 14.40
N TYR A 156 -2.32 -6.18 14.20
CA TYR A 156 -1.29 -6.02 15.20
C TYR A 156 -0.84 -4.57 15.32
N ILE A 157 -0.53 -3.95 14.17
CA ILE A 157 -0.04 -2.57 14.17
C ILE A 157 -1.09 -1.65 14.77
N ASP A 158 -2.36 -1.82 14.39
CA ASP A 158 -3.41 -1.00 14.98
C ASP A 158 -3.55 -1.25 16.47
N SER A 159 -3.25 -2.47 16.92
CA SER A 159 -3.39 -2.78 18.33
C SER A 159 -2.29 -2.12 19.17
N VAL A 160 -1.07 -2.02 18.63
CA VAL A 160 0.01 -1.41 19.39
C VAL A 160 0.11 0.09 19.18
N SER A 161 -0.70 0.65 18.27
CA SER A 161 -0.76 2.07 17.94
C SER A 161 0.50 2.54 17.23
N PHE A 162 0.44 3.74 16.65
CA PHE A 162 1.57 4.35 15.96
C PHE A 162 2.27 5.27 16.95
N ASN A 163 3.04 4.65 17.86
CA ASN A 163 3.77 5.36 18.91
C ASN A 163 2.83 6.21 19.76
N GLY A 164 1.65 5.66 20.04
CA GLY A 164 0.65 6.35 20.84
C GLY A 164 -0.39 7.11 20.04
N GLN A 165 -0.13 7.35 18.76
CA GLN A 165 -1.10 7.95 17.85
C GLN A 165 -1.86 6.87 17.09
N ALA A 166 -2.98 7.28 16.51
CA ALA A 166 -3.81 6.34 15.77
C ALA A 166 -3.10 5.83 14.53
N GLU A 167 -3.20 4.52 14.30
CA GLU A 167 -2.72 3.95 13.05
C GLU A 167 -3.69 4.23 11.91
N CYS A 168 -4.99 4.33 12.20
CA CYS A 168 -6.02 4.50 11.19
C CYS A 168 -6.51 5.94 11.16
N TYR A 169 -6.80 6.44 9.97
CA TYR A 169 -7.32 7.79 9.84
C TYR A 169 -8.25 7.88 8.64
N TYR A 170 -9.04 8.94 8.62
CA TYR A 170 -9.94 9.23 7.52
C TYR A 170 -9.88 10.73 7.23
N PHE A 171 -10.52 11.13 6.15
CA PHE A 171 -10.60 12.55 5.79
C PHE A 171 -11.99 13.05 6.12
N ALA A 172 -12.08 13.81 7.22
CA ALA A 172 -13.37 14.32 7.67
C ALA A 172 -13.90 15.37 6.71
N ASN A 173 -15.22 15.38 6.53
CA ASN A 173 -15.90 16.33 5.65
C ASN A 173 -15.26 16.35 4.27
N ALA A 174 -15.05 15.16 3.71
CA ALA A 174 -14.36 15.03 2.44
C ALA A 174 -15.11 15.68 1.28
N SER A 175 -16.36 16.08 1.48
CA SER A 175 -17.11 16.74 0.43
C SER A 175 -16.72 18.21 0.28
N GLU A 176 -16.45 18.89 1.39
CA GLU A 176 -16.09 20.30 1.35
C GLU A 176 -14.57 20.45 1.42
N PRO A 177 -13.92 20.98 0.39
CA PRO A 177 -12.45 21.06 0.42
C PRO A 177 -11.92 22.07 1.42
N GLU A 178 -12.66 23.14 1.71
CA GLU A 178 -12.26 24.07 2.75
C GLU A 178 -12.32 23.45 4.14
N ARG A 179 -12.81 22.21 4.26
CA ARG A 179 -12.91 21.52 5.54
C ARG A 179 -12.23 20.16 5.56
N CYS A 180 -11.93 19.56 4.41
CA CYS A 180 -11.41 18.20 4.35
C CYS A 180 -10.05 18.14 5.03
N GLN A 181 -9.97 17.43 6.16
CA GLN A 181 -8.73 17.30 6.90
C GLN A 181 -8.59 15.89 7.46
N LYS A 182 -7.34 15.47 7.61
CA LYS A 182 -7.03 14.15 8.15
C LYS A 182 -7.39 14.06 9.62
N MET A 183 -8.11 13.01 10.00
CA MET A 183 -8.59 12.81 11.38
C MET A 183 -8.44 11.36 11.78
N PRO A 184 -8.13 11.08 13.05
CA PRO A 184 -7.94 9.69 13.49
C PRO A 184 -9.25 8.92 13.51
N PHE A 185 -9.13 7.59 13.36
CA PHE A 185 -10.28 6.69 13.37
C PHE A 185 -9.95 5.49 14.25
N ASN A 186 -10.91 5.10 15.09
CA ASN A 186 -10.70 4.03 16.07
C ASN A 186 -11.10 2.68 15.49
N LEU A 187 -10.18 1.71 15.54
CA LEU A 187 -10.44 0.34 15.09
C LEU A 187 -10.32 -0.67 16.22
N ASP A 188 -10.66 -0.27 17.46
CA ASP A 188 -10.54 -1.18 18.58
C ASP A 188 -11.49 -2.37 18.44
N ASP A 189 -12.62 -2.19 17.76
CA ASP A 189 -13.51 -3.27 17.36
C ASP A 189 -13.58 -3.22 15.83
N PRO A 190 -12.60 -3.79 15.15
CA PRO A 190 -12.45 -3.56 13.70
C PRO A 190 -13.32 -4.43 12.82
N TYR A 191 -14.22 -5.25 13.38
CA TYR A 191 -14.98 -6.13 12.52
C TYR A 191 -16.42 -5.66 12.38
N PRO A 192 -17.01 -5.75 11.18
CA PRO A 192 -16.35 -6.25 9.97
C PRO A 192 -15.53 -5.16 9.25
N LEU A 193 -14.70 -5.56 8.31
CA LEU A 193 -13.79 -4.63 7.64
C LEU A 193 -13.57 -5.11 6.21
N LEU A 194 -13.70 -4.20 5.25
CA LEU A 194 -13.33 -4.45 3.87
C LEU A 194 -11.95 -3.85 3.61
N VAL A 195 -10.99 -4.71 3.30
CA VAL A 195 -9.61 -4.28 3.06
C VAL A 195 -9.37 -4.28 1.56
N VAL A 196 -8.98 -3.12 1.03
CA VAL A 196 -8.70 -2.96 -0.40
C VAL A 196 -7.21 -2.78 -0.56
N ASN A 197 -6.54 -3.82 -1.05
CA ASN A 197 -5.08 -3.86 -1.15
C ASN A 197 -4.67 -3.47 -2.56
N ILE A 198 -4.15 -2.26 -2.71
CA ILE A 198 -3.78 -1.71 -4.01
C ILE A 198 -2.27 -1.84 -4.16
N GLY A 199 -1.84 -2.92 -4.81
CA GLY A 199 -0.45 -3.08 -5.19
C GLY A 199 -0.29 -2.91 -6.68
N SER A 200 0.36 -3.85 -7.37
CA SER A 200 0.38 -3.83 -8.82
CA SER A 200 0.37 -3.82 -8.83
C SER A 200 -1.04 -3.94 -9.39
N GLY A 201 -1.84 -4.83 -8.79
CA GLY A 201 -3.25 -4.97 -9.07
C GLY A 201 -4.04 -4.60 -7.83
N VAL A 202 -5.27 -5.09 -7.69
CA VAL A 202 -6.08 -4.82 -6.52
C VAL A 202 -6.68 -6.12 -6.02
N SER A 203 -6.57 -6.36 -4.72
CA SER A 203 -7.27 -7.46 -4.06
C SER A 203 -8.21 -6.90 -3.00
N ILE A 204 -9.40 -7.46 -2.92
CA ILE A 204 -10.42 -7.01 -1.97
C ILE A 204 -10.69 -8.13 -0.99
N LEU A 205 -10.55 -7.84 0.29
CA LEU A 205 -10.67 -8.80 1.37
C LEU A 205 -11.81 -8.39 2.28
N ALA A 206 -12.55 -9.37 2.77
CA ALA A 206 -13.59 -9.16 3.77
C ALA A 206 -13.13 -9.81 5.07
N VAL A 207 -13.02 -9.01 6.12
CA VAL A 207 -12.55 -9.48 7.41
C VAL A 207 -13.74 -9.44 8.37
N HIS A 208 -14.23 -10.62 8.75
CA HIS A 208 -15.35 -10.72 9.67
C HIS A 208 -14.92 -10.96 11.11
N SER A 209 -13.77 -11.60 11.32
CA SER A 209 -13.21 -11.79 12.65
C SER A 209 -11.71 -12.04 12.50
N LYS A 210 -11.03 -12.20 13.64
CA LYS A 210 -9.60 -12.45 13.61
C LYS A 210 -9.27 -13.80 12.97
N ASP A 211 -10.25 -14.71 12.87
CA ASP A 211 -10.05 -16.01 12.27
C ASP A 211 -11.00 -16.28 11.11
N ASN A 212 -11.79 -15.29 10.71
CA ASN A 212 -12.78 -15.45 9.64
C ASN A 212 -12.60 -14.30 8.65
N TYR A 213 -11.85 -14.55 7.58
CA TYR A 213 -11.64 -13.57 6.54
C TYR A 213 -11.44 -14.29 5.21
N LYS A 214 -11.72 -13.57 4.13
CA LYS A 214 -11.78 -14.16 2.80
C LYS A 214 -11.34 -13.12 1.77
N ARG A 215 -10.75 -13.60 0.68
CA ARG A 215 -10.55 -12.77 -0.50
C ARG A 215 -11.87 -12.72 -1.29
N VAL A 216 -12.45 -11.53 -1.40
CA VAL A 216 -13.73 -11.39 -2.09
C VAL A 216 -13.54 -11.51 -3.59
N THR A 217 -12.68 -10.68 -4.15
CA THR A 217 -12.39 -10.64 -5.58
C THR A 217 -11.16 -9.75 -5.76
N GLY A 218 -10.90 -9.37 -7.00
CA GLY A 218 -9.85 -8.42 -7.29
C GLY A 218 -10.10 -7.79 -8.64
N THR A 219 -9.29 -6.79 -8.95
CA THR A 219 -9.27 -6.19 -10.28
C THR A 219 -7.84 -5.99 -10.72
N SER A 220 -7.62 -6.01 -12.03
CA SER A 220 -6.28 -5.86 -12.58
CA SER A 220 -6.30 -5.86 -12.62
C SER A 220 -5.89 -4.41 -12.83
N LEU A 221 -6.78 -3.46 -12.53
CA LEU A 221 -6.48 -2.04 -12.71
C LEU A 221 -6.03 -1.47 -11.37
N GLY A 222 -4.72 -1.54 -11.13
CA GLY A 222 -4.15 -1.12 -9.87
C GLY A 222 -2.97 -0.17 -10.07
N GLY A 223 -2.06 -0.20 -9.10
CA GLY A 223 -0.91 0.71 -9.16
C GLY A 223 0.01 0.43 -10.32
N GLY A 224 0.13 -0.83 -10.73
CA GLY A 224 0.95 -1.14 -11.89
C GLY A 224 0.36 -0.60 -13.18
N THR A 225 -0.97 -0.55 -13.25
CA THR A 225 -1.63 0.08 -14.40
C THR A 225 -1.34 1.57 -14.43
N PHE A 226 -1.46 2.25 -13.29
CA PHE A 226 -1.15 3.68 -13.24
C PHE A 226 0.28 3.92 -13.70
N LEU A 227 1.25 3.22 -13.09
CA LEU A 227 2.65 3.47 -13.40
C LEU A 227 2.99 3.07 -14.83
N GLY A 228 2.45 1.95 -15.30
CA GLY A 228 2.79 1.50 -16.65
C GLY A 228 2.16 2.36 -17.72
N LEU A 229 0.88 2.70 -17.57
CA LEU A 229 0.22 3.56 -18.55
C LEU A 229 0.82 4.95 -18.54
N CYS A 230 1.09 5.50 -17.35
CA CYS A 230 1.68 6.83 -17.26
C CYS A 230 3.04 6.86 -17.93
N SER A 231 3.84 5.80 -17.77
CA SER A 231 5.14 5.75 -18.42
C SER A 231 4.99 5.70 -19.94
N LEU A 232 4.03 4.93 -20.43
CA LEU A 232 3.78 4.88 -21.88
C LEU A 232 3.31 6.22 -22.40
N LEU A 233 2.41 6.88 -21.67
CA LEU A 233 1.78 8.10 -22.16
C LEU A 233 2.64 9.33 -21.96
N THR A 234 3.42 9.40 -20.88
CA THR A 234 4.14 10.61 -20.53
C THR A 234 5.66 10.47 -20.57
N GLY A 235 6.19 9.25 -20.55
CA GLY A 235 7.63 9.07 -20.49
C GLY A 235 8.22 9.25 -19.11
N CYS A 236 7.39 9.35 -18.07
CA CYS A 236 7.90 9.49 -16.72
C CYS A 236 8.75 8.27 -16.33
N GLU A 237 9.76 8.51 -15.50
CA GLU A 237 10.73 7.48 -15.14
C GLU A 237 10.58 6.98 -13.71
N SER A 238 9.60 7.47 -12.95
CA SER A 238 9.44 7.00 -11.58
C SER A 238 7.99 7.22 -11.14
N PHE A 239 7.60 6.45 -10.12
CA PHE A 239 6.30 6.66 -9.49
C PHE A 239 6.16 8.10 -9.00
N GLU A 240 7.20 8.62 -8.35
CA GLU A 240 7.16 10.00 -7.84
C GLU A 240 6.99 11.01 -8.97
N GLU A 241 7.72 10.83 -10.09
CA GLU A 241 7.57 11.75 -11.20
C GLU A 241 6.17 11.69 -11.80
N ALA A 242 5.58 10.50 -11.82
CA ALA A 242 4.22 10.37 -12.33
C ALA A 242 3.24 11.16 -11.47
N LEU A 243 3.41 11.10 -10.14
CA LEU A 243 2.53 11.84 -9.26
C LEU A 243 2.73 13.35 -9.39
N GLU A 244 3.98 13.79 -9.58
CA GLU A 244 4.26 15.20 -9.74
C GLU A 244 3.65 15.74 -11.03
N MET A 245 3.73 14.98 -12.12
CA MET A 245 3.06 15.37 -13.35
C MET A 245 1.55 15.47 -13.12
N ALA A 246 0.97 14.46 -12.46
CA ALA A 246 -0.47 14.43 -12.27
C ALA A 246 -0.95 15.60 -11.43
N SER A 247 -0.13 16.06 -10.47
CA SER A 247 -0.54 17.18 -9.64
C SER A 247 -0.68 18.47 -10.44
N LYS A 248 -0.02 18.57 -11.59
CA LYS A 248 -0.07 19.75 -12.43
C LYS A 248 -1.08 19.66 -13.56
N GLY A 249 -1.71 18.50 -13.75
CA GLY A 249 -2.54 18.28 -14.91
C GLY A 249 -4.02 18.56 -14.68
N ASP A 250 -4.77 18.46 -15.77
CA ASP A 250 -6.22 18.63 -15.79
C ASP A 250 -6.78 17.39 -16.49
N SER A 251 -7.35 16.46 -15.72
CA SER A 251 -7.86 15.22 -16.29
C SER A 251 -9.04 15.46 -17.23
N THR A 252 -9.74 16.58 -17.08
CA THR A 252 -10.89 16.85 -17.96
C THR A 252 -10.47 17.16 -19.39
N GLN A 253 -9.17 17.41 -19.63
CA GLN A 253 -8.71 17.58 -21.00
C GLN A 253 -8.71 16.26 -21.77
N ALA A 254 -8.59 15.14 -21.06
CA ALA A 254 -8.60 13.81 -21.68
C ALA A 254 -9.93 13.09 -21.50
N ASP A 255 -10.58 13.28 -20.36
CA ASP A 255 -11.82 12.58 -20.05
C ASP A 255 -13.02 13.29 -20.66
N LYS A 256 -14.03 12.50 -21.02
CA LYS A 256 -15.33 13.04 -21.44
C LYS A 256 -16.25 13.00 -20.23
N LEU A 257 -16.80 14.15 -19.87
CA LEU A 257 -17.62 14.28 -18.68
C LEU A 257 -19.11 14.16 -19.03
N VAL A 258 -19.92 13.97 -17.99
CA VAL A 258 -21.37 13.91 -18.19
C VAL A 258 -21.87 15.17 -18.89
N ARG A 259 -21.32 16.34 -18.52
CA ARG A 259 -21.76 17.57 -19.16
C ARG A 259 -21.32 17.69 -20.61
N ASP A 260 -20.25 17.00 -21.00
CA ASP A 260 -19.86 16.98 -22.40
C ASP A 260 -20.90 16.25 -23.25
N ILE A 261 -21.60 15.28 -22.66
CA ILE A 261 -22.58 14.48 -23.39
C ILE A 261 -23.97 15.09 -23.33
N TYR A 262 -24.36 15.61 -22.16
CA TYR A 262 -25.71 16.14 -21.96
C TYR A 262 -25.79 17.66 -22.05
N GLY A 263 -24.67 18.38 -21.93
CA GLY A 263 -24.71 19.82 -21.78
C GLY A 263 -24.89 20.30 -20.36
N GLY A 264 -24.88 19.39 -19.39
CA GLY A 264 -25.07 19.77 -18.01
C GLY A 264 -25.22 18.53 -17.15
N ASP A 265 -25.83 18.70 -15.98
CA ASP A 265 -26.09 17.56 -15.12
C ASP A 265 -27.19 16.69 -15.70
N TYR A 266 -27.17 15.41 -15.30
CA TYR A 266 -28.23 14.46 -15.65
C TYR A 266 -28.97 14.11 -14.35
N GLU A 267 -29.99 14.91 -14.03
CA GLU A 267 -30.68 14.76 -12.75
C GLU A 267 -31.45 13.46 -12.65
N ARG A 268 -31.95 12.95 -13.78
CA ARG A 268 -32.78 11.74 -13.77
C ARG A 268 -32.08 10.59 -13.07
N PHE A 269 -30.76 10.47 -13.23
CA PHE A 269 -30.00 9.41 -12.59
C PHE A 269 -29.00 9.93 -11.58
N GLY A 270 -29.20 11.16 -11.08
CA GLY A 270 -28.32 11.70 -10.05
C GLY A 270 -26.87 11.83 -10.47
N LEU A 271 -26.62 12.10 -11.75
CA LEU A 271 -25.25 12.23 -12.24
C LEU A 271 -24.89 13.70 -12.36
N PRO A 272 -23.92 14.19 -11.60
CA PRO A 272 -23.51 15.59 -11.76
C PRO A 272 -22.75 15.78 -13.05
N GLY A 273 -22.77 17.02 -13.55
CA GLY A 273 -22.09 17.33 -14.80
C GLY A 273 -20.60 17.04 -14.78
N TRP A 274 -19.99 17.07 -13.58
CA TRP A 274 -18.55 16.88 -13.47
C TRP A 274 -18.15 15.40 -13.41
N ALA A 275 -19.11 14.49 -13.28
CA ALA A 275 -18.78 13.07 -13.26
C ALA A 275 -18.17 12.64 -14.59
N VAL A 276 -17.18 11.76 -14.53
CA VAL A 276 -16.53 11.26 -15.73
C VAL A 276 -17.43 10.21 -16.38
N ALA A 277 -17.89 10.49 -17.60
CA ALA A 277 -18.67 9.51 -18.34
C ALA A 277 -17.80 8.52 -19.11
N SER A 278 -16.66 8.96 -19.64
CA SER A 278 -15.78 8.09 -20.40
C SER A 278 -14.34 8.51 -20.13
N SER A 279 -13.60 7.68 -19.41
CA SER A 279 -12.19 7.97 -19.15
C SER A 279 -11.41 7.95 -20.45
N PHE A 280 -10.57 8.98 -20.66
CA PHE A 280 -9.84 9.19 -21.90
C PHE A 280 -10.77 9.34 -23.11
N GLY A 281 -12.07 9.57 -22.87
CA GLY A 281 -13.03 9.57 -23.96
C GLY A 281 -12.87 10.73 -24.92
N ASN A 282 -12.30 11.85 -24.46
CA ASN A 282 -12.05 12.96 -25.37
C ASN A 282 -10.85 12.72 -26.28
N MET A 283 -10.09 11.66 -26.03
CA MET A 283 -8.93 11.33 -26.84
C MET A 283 -9.28 10.58 -28.11
N ILE A 284 -10.57 10.38 -28.39
CA ILE A 284 -10.97 9.87 -29.70
C ILE A 284 -10.87 10.94 -30.78
N TYR A 285 -10.68 12.19 -30.40
CA TYR A 285 -10.58 13.29 -31.35
C TYR A 285 -9.11 13.64 -31.54
N LYS A 286 -8.65 13.65 -32.79
CA LYS A 286 -7.24 13.87 -33.07
C LYS A 286 -6.79 15.25 -32.60
N GLU A 287 -7.63 16.27 -32.78
CA GLU A 287 -7.25 17.61 -32.36
C GLU A 287 -7.06 17.70 -30.85
N LYS A 288 -7.84 16.93 -30.07
CA LYS A 288 -7.65 16.94 -28.63
C LYS A 288 -6.42 16.15 -28.21
N ARG A 289 -6.11 15.06 -28.92
CA ARG A 289 -4.87 14.34 -28.64
C ARG A 289 -3.65 15.23 -28.89
N GLU A 290 -3.74 16.14 -29.85
CA GLU A 290 -2.62 17.00 -30.19
C GLU A 290 -2.46 18.18 -29.24
N SER A 291 -3.47 18.49 -28.44
CA SER A 291 -3.38 19.61 -27.51
C SER A 291 -3.22 19.19 -26.05
N VAL A 292 -3.49 17.92 -25.73
CA VAL A 292 -3.36 17.45 -24.36
C VAL A 292 -1.88 17.44 -23.97
N SER A 293 -1.63 17.73 -22.70
CA SER A 293 -0.27 17.75 -22.17
C SER A 293 0.04 16.44 -21.45
N LYS A 294 1.33 16.19 -21.21
CA LYS A 294 1.74 15.02 -20.45
C LYS A 294 1.14 15.06 -19.04
N GLU A 295 1.13 16.24 -18.41
CA GLU A 295 0.57 16.34 -17.07
C GLU A 295 -0.91 16.00 -17.06
N ASP A 296 -1.65 16.47 -18.08
CA ASP A 296 -3.07 16.13 -18.18
C ASP A 296 -3.27 14.61 -18.27
N LEU A 297 -2.44 13.94 -19.07
CA LEU A 297 -2.59 12.50 -19.25
C LEU A 297 -2.21 11.75 -17.99
N ALA A 298 -1.19 12.22 -17.27
CA ALA A 298 -0.84 11.62 -15.98
C ALA A 298 -2.00 11.74 -15.00
N ARG A 299 -2.61 12.93 -14.93
CA ARG A 299 -3.74 13.12 -14.03
C ARG A 299 -4.92 12.25 -14.45
N ALA A 300 -5.20 12.15 -15.74
CA ALA A 300 -6.29 11.31 -16.20
C ALA A 300 -6.03 9.84 -15.90
N THR A 301 -4.77 9.39 -15.99
CA THR A 301 -4.46 8.02 -15.61
C THR A 301 -4.73 7.80 -14.13
N LEU A 302 -4.27 8.73 -13.28
CA LEU A 302 -4.47 8.59 -11.84
C LEU A 302 -5.96 8.60 -11.50
N VAL A 303 -6.71 9.53 -12.09
CA VAL A 303 -8.14 9.63 -11.79
C VAL A 303 -8.88 8.38 -12.26
N THR A 304 -8.56 7.90 -13.47
CA THR A 304 -9.22 6.71 -14.01
C THR A 304 -9.02 5.51 -13.08
N ILE A 305 -7.78 5.24 -12.70
CA ILE A 305 -7.48 4.08 -11.87
C ILE A 305 -8.12 4.23 -10.50
N THR A 306 -7.99 5.43 -9.91
CA THR A 306 -8.49 5.64 -8.56
C THR A 306 -10.01 5.52 -8.49
N ASN A 307 -10.72 6.14 -9.43
CA ASN A 307 -12.17 6.04 -9.45
C ASN A 307 -12.63 4.60 -9.65
N ASN A 308 -11.95 3.86 -10.52
CA ASN A 308 -12.34 2.46 -10.73
C ASN A 308 -12.13 1.65 -9.46
N ILE A 309 -11.03 1.91 -8.74
CA ILE A 309 -10.79 1.22 -7.47
C ILE A 309 -11.88 1.55 -6.47
N GLY A 310 -12.25 2.83 -6.36
CA GLY A 310 -13.31 3.21 -5.43
C GLY A 310 -14.64 2.59 -5.78
N SER A 311 -14.95 2.51 -7.08
CA SER A 311 -16.23 1.96 -7.50
C SER A 311 -16.30 0.46 -7.22
N VAL A 312 -15.22 -0.27 -7.49
CA VAL A 312 -15.21 -1.69 -7.18
C VAL A 312 -15.30 -1.92 -5.67
N ALA A 313 -14.59 -1.09 -4.90
CA ALA A 313 -14.66 -1.19 -3.45
C ALA A 313 -16.09 -0.94 -2.95
N ARG A 314 -16.77 0.04 -3.52
CA ARG A 314 -18.14 0.32 -3.12
C ARG A 314 -19.06 -0.85 -3.44
N MET A 315 -18.93 -1.42 -4.64
CA MET A 315 -19.78 -2.55 -5.02
C MET A 315 -19.53 -3.75 -4.12
N CYS A 316 -18.26 -4.02 -3.79
CA CYS A 316 -17.97 -5.14 -2.90
C CYS A 316 -18.50 -4.89 -1.49
N ALA A 317 -18.37 -3.65 -1.00
CA ALA A 317 -18.88 -3.32 0.32
C ALA A 317 -20.39 -3.52 0.40
N VAL A 318 -21.10 -3.18 -0.67
CA VAL A 318 -22.55 -3.37 -0.68
C VAL A 318 -22.90 -4.84 -0.63
N ASN A 319 -22.17 -5.67 -1.37
CA ASN A 319 -22.49 -7.10 -1.39
C ASN A 319 -22.09 -7.78 -0.09
N GLU A 320 -20.95 -7.40 0.48
CA GLU A 320 -20.51 -7.98 1.75
C GLU A 320 -21.22 -7.39 2.95
N LYS A 321 -22.04 -6.35 2.74
CA LYS A 321 -22.74 -5.65 3.82
C LYS A 321 -21.75 -5.12 4.86
N ILE A 322 -20.69 -4.47 4.37
CA ILE A 322 -19.67 -3.86 5.20
C ILE A 322 -19.58 -2.38 4.85
N ASN A 323 -19.54 -1.52 5.87
CA ASN A 323 -19.55 -0.08 5.65
C ASN A 323 -18.22 0.60 5.92
N ARG A 324 -17.22 -0.12 6.40
CA ARG A 324 -15.89 0.44 6.64
C ARG A 324 -14.92 -0.16 5.64
N VAL A 325 -14.37 0.68 4.77
CA VAL A 325 -13.48 0.26 3.69
C VAL A 325 -12.12 0.87 3.93
N VAL A 326 -11.12 0.04 4.21
CA VAL A 326 -9.77 0.50 4.46
C VAL A 326 -8.89 0.16 3.26
N PHE A 327 -8.09 1.12 2.84
CA PHE A 327 -7.23 0.98 1.67
C PHE A 327 -5.79 0.81 2.12
N VAL A 328 -5.12 -0.22 1.60
CA VAL A 328 -3.71 -0.44 1.90
C VAL A 328 -2.96 -0.65 0.60
N GLY A 329 -1.67 -0.99 0.70
CA GLY A 329 -0.80 -1.06 -0.46
C GLY A 329 0.07 0.18 -0.55
N ASN A 330 0.92 0.21 -1.58
CA ASN A 330 1.82 1.32 -1.78
C ASN A 330 1.41 2.24 -2.93
N PHE A 331 0.32 1.92 -3.64
CA PHE A 331 -0.20 2.88 -4.62
C PHE A 331 -0.56 4.20 -3.96
N LEU A 332 -0.91 4.18 -2.68
CA LEU A 332 -1.28 5.40 -1.97
C LEU A 332 -0.12 6.05 -1.23
N ARG A 333 1.08 5.46 -1.26
CA ARG A 333 2.24 6.09 -0.65
C ARG A 333 2.52 7.43 -1.31
N VAL A 334 2.79 8.45 -0.49
CA VAL A 334 2.98 9.87 -0.85
C VAL A 334 2.02 10.29 -1.96
N ASN A 335 0.78 9.79 -1.91
CA ASN A 335 -0.20 9.98 -2.98
C ASN A 335 -1.49 10.55 -2.36
N THR A 336 -1.43 11.81 -1.94
CA THR A 336 -2.60 12.42 -1.30
C THR A 336 -3.74 12.66 -2.29
N LEU A 337 -3.41 12.84 -3.58
CA LEU A 337 -4.45 13.01 -4.58
C LEU A 337 -5.39 11.81 -4.61
N SER A 338 -4.83 10.61 -4.70
CA SER A 338 -5.67 9.42 -4.77
C SER A 338 -6.39 9.18 -3.45
N MET A 339 -5.73 9.47 -2.32
CA MET A 339 -6.41 9.33 -1.04
C MET A 339 -7.63 10.24 -0.95
N LYS A 340 -7.46 11.52 -1.27
CA LYS A 340 -8.58 12.45 -1.17
C LYS A 340 -9.65 12.14 -2.21
N LEU A 341 -9.24 11.68 -3.40
CA LEU A 341 -10.22 11.27 -4.40
C LEU A 341 -11.03 10.08 -3.91
N LEU A 342 -10.37 9.11 -3.27
CA LEU A 342 -11.08 7.96 -2.72
C LEU A 342 -12.02 8.38 -1.60
N ALA A 343 -11.55 9.26 -0.70
CA ALA A 343 -12.40 9.70 0.39
C ALA A 343 -13.62 10.45 -0.12
N TYR A 344 -13.42 11.36 -1.08
CA TYR A 344 -14.55 12.12 -1.61
C TYR A 344 -15.50 11.22 -2.39
N ALA A 345 -14.95 10.37 -3.28
CA ALA A 345 -15.80 9.56 -4.14
C ALA A 345 -16.61 8.55 -3.34
N LEU A 346 -15.96 7.87 -2.39
CA LEU A 346 -16.66 6.86 -1.60
C LEU A 346 -17.79 7.49 -0.79
N ASP A 347 -17.54 8.67 -0.20
CA ASP A 347 -18.59 9.35 0.55
C ASP A 347 -19.69 9.84 -0.37
N TYR A 348 -19.32 10.44 -1.51
CA TYR A 348 -20.32 11.03 -2.40
C TYR A 348 -21.19 9.95 -3.03
N TRP A 349 -20.58 8.96 -3.68
CA TRP A 349 -21.35 7.98 -4.43
C TRP A 349 -22.12 7.02 -3.55
N SER A 350 -21.71 6.85 -2.28
CA SER A 350 -22.46 6.01 -1.35
C SER A 350 -23.51 6.78 -0.58
N LYS A 351 -23.70 8.06 -0.90
CA LYS A 351 -24.63 8.93 -0.18
C LYS A 351 -24.27 9.00 1.30
N GLY A 352 -22.98 8.87 1.61
CA GLY A 352 -22.52 8.96 2.97
C GLY A 352 -22.61 7.68 3.77
N GLN A 353 -22.88 6.54 3.12
CA GLN A 353 -23.03 5.28 3.84
C GLN A 353 -21.74 4.48 3.94
N LEU A 354 -20.72 4.81 3.15
CA LEU A 354 -19.41 4.16 3.24
C LEU A 354 -18.37 5.19 3.67
N LYS A 355 -17.39 4.72 4.43
CA LYS A 355 -16.32 5.56 4.93
C LYS A 355 -14.98 5.02 4.43
N ALA A 356 -14.21 5.88 3.76
CA ALA A 356 -12.87 5.51 3.32
C ALA A 356 -11.89 5.68 4.46
N LEU A 357 -11.17 4.61 4.80
CA LEU A 357 -10.20 4.61 5.89
C LEU A 357 -8.81 4.34 5.35
N PHE A 358 -7.81 4.94 5.98
CA PHE A 358 -6.43 4.80 5.55
C PHE A 358 -5.57 4.45 6.77
N LEU A 359 -4.39 3.90 6.50
CA LEU A 359 -3.50 3.40 7.53
C LEU A 359 -2.08 3.87 7.28
N GLU A 360 -1.42 4.35 8.34
CA GLU A 360 -0.08 4.90 8.19
C GLU A 360 0.92 3.87 7.67
N HIS A 361 0.79 2.61 8.08
CA HIS A 361 1.70 1.56 7.67
C HIS A 361 1.14 0.72 6.53
N GLU A 362 0.47 1.37 5.57
CA GLU A 362 -0.35 0.67 4.58
C GLU A 362 0.43 -0.27 3.69
N GLY A 363 1.71 0.01 3.44
CA GLY A 363 2.46 -0.84 2.55
C GLY A 363 3.12 -2.04 3.19
N TYR A 364 3.10 -2.15 4.52
CA TYR A 364 3.99 -3.06 5.23
C TYR A 364 3.27 -4.13 6.04
N PHE A 365 1.95 -4.26 5.92
CA PHE A 365 1.25 -5.18 6.83
C PHE A 365 1.59 -6.64 6.54
N GLY A 366 1.80 -6.99 5.26
CA GLY A 366 2.22 -8.34 4.96
C GLY A 366 3.57 -8.68 5.56
N ALA A 367 4.51 -7.73 5.51
CA ALA A 367 5.83 -7.97 6.08
C ALA A 367 5.76 -8.12 7.59
N VAL A 368 4.90 -7.34 8.25
CA VAL A 368 4.75 -7.46 9.70
C VAL A 368 4.09 -8.79 10.04
N GLY A 369 3.02 -9.15 9.30
CA GLY A 369 2.37 -10.42 9.56
C GLY A 369 3.29 -11.61 9.39
N ALA A 370 4.21 -11.53 8.42
CA ALA A 370 5.19 -12.57 8.25
C ALA A 370 6.12 -12.65 9.45
N LEU A 371 6.63 -11.50 9.90
CA LEU A 371 7.47 -11.47 11.10
C LEU A 371 6.75 -12.09 12.28
N LEU A 372 5.44 -11.88 12.39
CA LEU A 372 4.68 -12.41 13.52
C LEU A 372 4.50 -13.92 13.44
N GLY A 373 4.73 -14.54 12.29
CA GLY A 373 4.70 -15.98 12.19
C GLY A 373 5.94 -16.68 12.69
N LEU A 374 6.94 -15.91 13.11
CA LEU A 374 8.21 -16.49 13.52
C LEU A 374 8.12 -17.48 14.68
N PRO A 375 7.33 -17.24 15.75
CA PRO A 375 7.29 -18.22 16.85
C PRO A 375 6.79 -19.60 16.44
N ASN A 376 6.03 -19.70 15.34
CA ASN A 376 5.54 -20.99 14.89
C ASN A 376 6.64 -21.90 14.35
N PHE A 377 7.88 -21.44 14.32
CA PHE A 377 8.99 -22.26 13.83
C PHE A 377 10.13 -22.31 14.85
C ACT B . 0.20 -5.03 2.81
O ACT B . 0.44 -6.23 3.06
OXT ACT B . 0.29 -4.02 3.57
CH3 ACT B . -0.25 -4.71 1.35
C10 MZI C . -8.08 -10.76 -10.08
C13 MZI C . -5.62 -8.94 -8.62
C15 MZI C . -3.97 -10.15 -7.37
C17 MZI C . -3.57 -10.53 -4.98
C20 MZI C . -3.70 -10.72 -1.58
C21 MZI C . -4.15 -11.52 -0.36
C24 MZI C . -4.17 -11.27 -8.16
C28 MZI C . -10.18 -10.28 -13.01
C02 MZI C . -14.83 -11.17 -14.94
C03 MZI C . -13.65 -10.82 -15.58
C04 MZI C . -12.46 -10.74 -14.83
C05 MZI C . -12.59 -11.04 -13.47
C07 MZI C . -11.49 -11.22 -11.15
C08 MZI C . -10.22 -11.88 -10.63
C11 MZI C . -6.84 -10.01 -10.54
C12 MZI C . -5.82 -10.06 -9.42
C14 MZI C . -4.70 -8.99 -7.60
C18 MZI C . -2.70 -10.61 -3.72
C25 MZI C . -5.09 -11.22 -9.19
C27 MZI C . -8.94 -10.94 -12.41
N06 MZI C . -11.42 -11.00 -12.62
N09 MZI C . -9.07 -11.20 -11.03
N16 MZI C . -3.02 -10.19 -6.27
N29 MZI C . -13.73 -11.36 -12.94
N30 MZI C . -14.84 -11.43 -13.67
O19 MZI C . -3.39 -11.38 -2.77
O22 MZI C . -3.63 -9.54 -1.51
O23 MZI C . -4.73 -10.77 -4.89
O26 MZI C . -8.25 -11.00 -8.92
CL01 MZI C . -16.35 -11.29 -15.85
PG ANP D . 1.62 -7.25 -5.73
O1G ANP D . 0.46 -7.16 -6.62
O2G ANP D . 2.41 -8.54 -6.09
O3G ANP D . 1.18 -7.32 -4.23
PB ANP D . 3.35 -5.30 -4.73
O1B ANP D . 3.19 -6.18 -3.57
O2B ANP D . 4.86 -4.98 -4.98
N3B ANP D . 2.64 -5.95 -6.04
PA ANP D . 2.82 -2.65 -3.48
O1A ANP D . 4.23 -2.60 -2.92
O2A ANP D . 1.80 -2.74 -2.35
O3A ANP D . 2.60 -3.92 -4.43
O5' ANP D . 2.51 -1.37 -4.39
C5' ANP D . 3.11 -1.20 -5.68
C4' ANP D . 2.56 0.12 -6.23
O4' ANP D . 2.97 1.18 -5.37
C3' ANP D . 3.17 0.41 -7.60
O3' ANP D . 2.33 -0.17 -8.61
C2' ANP D . 3.10 1.95 -7.65
O2' ANP D . 1.84 2.38 -8.15
C1' ANP D . 3.24 2.34 -6.14
N9 ANP D . 4.58 2.78 -5.75
C8 ANP D . 4.83 3.60 -4.69
N7 ANP D . 6.14 3.79 -4.57
C5 ANP D . 6.77 3.10 -5.56
C6 ANP D . 8.11 2.94 -5.92
N6 ANP D . 9.11 3.58 -5.20
N1 ANP D . 8.40 2.18 -6.97
C2 ANP D . 7.43 1.59 -7.63
N3 ANP D . 6.14 1.69 -7.36
C4 ANP D . 5.79 2.45 -6.32
C1 EDO E . 12.61 2.40 -3.71
O1 EDO E . 12.13 3.09 -4.87
C2 EDO E . 11.69 1.24 -3.39
O2 EDO E . 10.38 1.73 -3.08
C1 EDO F . -8.94 8.38 -34.29
O1 EDO F . -9.18 9.79 -34.30
C2 EDO F . -9.74 7.71 -33.17
O2 EDO F . -11.14 7.92 -33.38
CL CL G . 7.68 -23.19 3.77
MG MG H . 1.62 -6.79 -2.26
#